data_3WFI
#
_entry.id   3WFI
#
_cell.length_a   84.800
_cell.length_b   40.680
_cell.length_c   88.940
_cell.angle_alpha   90.00
_cell.angle_beta   105.47
_cell.angle_gamma   90.00
#
_symmetry.space_group_name_H-M   'P 1 21 1'
#
loop_
_entity.id
_entity.type
_entity.pdbx_description
1 polymer '2-dehydropantoate 2-reductase'
2 water water
#
_entity_poly.entity_id   1
_entity_poly.type   'polypeptide(L)'
_entity_poly.pdbx_seq_one_letter_code
;MKIAIAGAGAMGSRFGLMLHQSGNEVLLIDGWAEHVQQIKEHGLQANFNGKEVEAKLPIVLQSEVEKEDQVDLIILFTKA
MQLEKMLQDIQSLIKKDTEVLCLLNGIGHEDIIEKFVPMENIYIGNTMWTAGLEGPGQVKLFGSGSVELQNLGDGKEAAA
KKLADKLSESGLNAHFSDNIHYSIYRKACVNGTMNGLCTILDVNMAELGKTSTAHKMVATIVNEFAKVAAVEKIELDVPE
VIAHCESCFDPETIGLHYPSMYQDLIKNHRLTEIDYINGAISRKGKKYGVATPYCDFLTELVHAKEDSLNVK
;
_entity_poly.pdbx_strand_id   A,B
#
# COMPACT_ATOMS: atom_id res chain seq x y z
N MET A 1 -40.24 15.24 24.01
CA MET A 1 -39.23 14.13 24.14
C MET A 1 -38.30 14.34 25.33
N LYS A 2 -37.87 13.23 25.91
CA LYS A 2 -36.72 13.20 26.80
C LYS A 2 -35.55 12.82 25.92
N ILE A 3 -34.56 13.70 25.83
CA ILE A 3 -33.45 13.53 24.90
C ILE A 3 -32.13 13.55 25.65
N ALA A 4 -31.27 12.57 25.36
CA ALA A 4 -29.90 12.60 25.84
C ALA A 4 -28.97 13.02 24.70
N ILE A 5 -28.08 13.96 25.00
CA ILE A 5 -27.05 14.41 24.07
C ILE A 5 -25.75 13.76 24.48
N ALA A 6 -25.36 12.72 23.75
CA ALA A 6 -24.19 11.91 24.07
C ALA A 6 -22.99 12.50 23.36
N GLY A 7 -22.31 13.40 24.06
CA GLY A 7 -21.23 14.22 23.49
C GLY A 7 -21.67 15.66 23.47
N ALA A 8 -21.33 16.41 24.51
CA ALA A 8 -21.76 17.80 24.62
C ALA A 8 -20.65 18.79 24.24
N GLY A 9 -19.97 18.51 23.14
CA GLY A 9 -19.02 19.45 22.55
C GLY A 9 -19.81 20.56 21.88
N ALA A 10 -19.20 21.25 20.93
CA ALA A 10 -19.83 22.43 20.33
C ALA A 10 -21.18 22.10 19.67
N MET A 11 -21.19 21.06 18.82
CA MET A 11 -22.41 20.69 18.10
C MET A 11 -23.46 20.12 19.04
N GLY A 12 -23.06 19.24 19.95
CA GLY A 12 -23.99 18.70 20.96
C GLY A 12 -24.59 19.78 21.83
N SER A 13 -23.77 20.77 22.20
CA SER A 13 -24.27 21.92 22.95
C SER A 13 -25.27 22.76 22.16
N ARG A 14 -25.03 22.92 20.85
CA ARG A 14 -26.01 23.61 20.01
C ARG A 14 -27.34 22.87 20.07
N PHE A 15 -27.30 21.58 19.75
CA PHE A 15 -28.51 20.76 19.69
C PHE A 15 -29.22 20.76 21.04
N GLY A 16 -28.46 20.54 22.10
CA GLY A 16 -29.02 20.53 23.45
C GLY A 16 -29.70 21.84 23.82
N LEU A 17 -29.04 22.96 23.52
CA LEU A 17 -29.61 24.27 23.77
C LEU A 17 -30.88 24.49 22.99
N MET A 18 -30.83 24.23 21.68
CA MET A 18 -31.97 24.51 20.83
C MET A 18 -33.16 23.65 21.23
N LEU A 19 -32.89 22.37 21.50
CA LEU A 19 -33.94 21.44 21.93
C LEU A 19 -34.57 21.83 23.28
N HIS A 20 -33.72 22.26 24.21
CA HIS A 20 -34.15 22.74 25.53
C HIS A 20 -35.04 23.98 25.40
N GLN A 21 -34.58 24.95 24.61
CA GLN A 21 -35.30 26.21 24.43
C GLN A 21 -36.74 26.03 23.94
N SER A 22 -36.99 24.98 23.15
CA SER A 22 -38.34 24.71 22.62
C SER A 22 -39.22 23.87 23.54
N GLY A 23 -38.72 23.51 24.71
CA GLY A 23 -39.52 22.81 25.71
C GLY A 23 -39.27 21.32 25.82
N ASN A 24 -38.19 20.83 25.23
CA ASN A 24 -37.82 19.43 25.41
C ASN A 24 -37.07 19.29 26.72
N GLU A 25 -37.07 18.08 27.25
CA GLU A 25 -36.31 17.74 28.43
C GLU A 25 -34.99 17.12 27.95
N VAL A 26 -33.89 17.80 28.21
CA VAL A 26 -32.58 17.42 27.68
C VAL A 26 -31.60 17.07 28.79
N LEU A 27 -30.83 16.02 28.56
CA LEU A 27 -29.67 15.70 29.39
C LEU A 27 -28.39 15.70 28.54
N LEU A 28 -27.42 16.52 28.93
CA LEU A 28 -26.11 16.53 28.30
C LEU A 28 -25.23 15.50 28.96
N ILE A 29 -24.44 14.79 28.17
CA ILE A 29 -23.50 13.81 28.68
C ILE A 29 -22.14 14.05 28.02
N ASP A 30 -21.10 14.20 28.83
CA ASP A 30 -19.77 14.55 28.32
C ASP A 30 -18.65 14.00 29.20
N GLY A 31 -17.48 13.80 28.61
CA GLY A 31 -16.31 13.27 29.31
C GLY A 31 -15.36 14.32 29.86
N TRP A 32 -15.53 15.59 29.46
CA TRP A 32 -14.62 16.66 29.89
C TRP A 32 -15.06 17.25 31.24
N ALA A 33 -14.35 16.87 32.30
CA ALA A 33 -14.75 17.18 33.69
C ALA A 33 -14.97 18.66 33.97
N GLU A 34 -14.10 19.51 33.45
CA GLU A 34 -14.19 20.96 33.67
C GLU A 34 -15.41 21.54 32.93
N HIS A 35 -15.74 20.95 31.79
CA HIS A 35 -16.93 21.30 31.00
C HIS A 35 -18.20 20.98 31.78
N VAL A 36 -18.25 19.75 32.28
CA VAL A 36 -19.39 19.26 33.04
C VAL A 36 -19.61 20.12 34.28
N GLN A 37 -18.54 20.38 35.02
CA GLN A 37 -18.62 21.13 36.27
C GLN A 37 -19.05 22.58 36.06
N GLN A 38 -18.52 23.21 35.02
CA GLN A 38 -18.92 24.59 34.70
C GLN A 38 -20.40 24.69 34.40
N ILE A 39 -20.89 23.77 33.57
CA ILE A 39 -22.30 23.77 33.18
C ILE A 39 -23.19 23.44 34.39
N LYS A 40 -22.76 22.53 35.25
CA LYS A 40 -23.50 22.22 36.47
C LYS A 40 -23.66 23.47 37.32
N GLU A 41 -22.55 24.17 37.57
CA GLU A 41 -22.55 25.31 38.48
C GLU A 41 -23.22 26.55 37.89
N HIS A 42 -23.03 26.79 36.61
CA HIS A 42 -23.42 28.06 36.02
C HIS A 42 -24.29 27.96 34.77
N GLY A 43 -24.65 26.74 34.39
CA GLY A 43 -25.42 26.52 33.16
C GLY A 43 -24.55 26.61 31.93
N LEU A 44 -25.13 26.29 30.77
CA LEU A 44 -24.45 26.45 29.49
C LEU A 44 -24.57 27.89 29.02
N GLN A 45 -23.44 28.55 28.77
CA GLN A 45 -23.43 29.93 28.28
C GLN A 45 -23.17 29.97 26.78
N ALA A 46 -24.00 30.71 26.05
CA ALA A 46 -23.91 30.74 24.61
C ALA A 46 -24.05 32.14 24.04
N ASN A 47 -23.25 32.43 23.02
CA ASN A 47 -23.45 33.57 22.14
C ASN A 47 -24.23 33.07 20.91
N PHE A 48 -25.52 33.41 20.85
CA PHE A 48 -26.45 32.91 19.82
C PHE A 48 -26.89 34.01 18.84
N ASN A 49 -26.15 34.21 17.77
CA ASN A 49 -26.48 35.18 16.69
C ASN A 49 -26.83 36.68 16.96
N GLY A 50 -26.14 37.40 17.83
CA GLY A 50 -25.18 36.91 18.81
C GLY A 50 -25.61 37.47 20.16
N LYS A 51 -26.62 36.86 20.75
CA LYS A 51 -27.16 37.29 22.05
C LYS A 51 -26.58 36.38 23.13
N GLU A 52 -26.17 36.96 24.25
CA GLU A 52 -25.67 36.16 25.37
C GLU A 52 -26.84 35.48 26.08
N VAL A 53 -26.93 34.16 25.94
CA VAL A 53 -28.01 33.37 26.55
C VAL A 53 -27.43 32.37 27.56
N GLU A 54 -28.23 32.03 28.58
CA GLU A 54 -27.91 30.97 29.53
C GLU A 54 -29.02 29.92 29.51
N ALA A 55 -28.68 28.68 29.85
CA ALA A 55 -29.67 27.63 30.07
C ALA A 55 -29.13 26.66 31.11
N LYS A 56 -29.93 26.37 32.13
CA LYS A 56 -29.55 25.38 33.11
C LYS A 56 -29.85 23.99 32.57
N LEU A 57 -28.97 23.50 31.72
CA LEU A 57 -29.14 22.16 31.14
C LEU A 57 -28.62 21.09 32.09
N PRO A 58 -29.44 20.05 32.35
CA PRO A 58 -28.90 18.93 33.11
C PRO A 58 -27.68 18.35 32.40
N ILE A 59 -26.64 18.04 33.16
CA ILE A 59 -25.46 17.44 32.57
C ILE A 59 -24.82 16.46 33.54
N VAL A 60 -24.33 15.36 32.98
CA VAL A 60 -23.65 14.37 33.77
C VAL A 60 -22.34 13.96 33.07
N LEU A 61 -21.30 13.73 33.85
CA LEU A 61 -20.09 13.08 33.39
C LEU A 61 -20.49 11.69 32.89
N GLN A 62 -19.95 11.27 31.74
CA GLN A 62 -20.43 10.05 31.10
C GLN A 62 -20.16 8.83 32.00
N SER A 63 -19.14 8.95 32.87
CA SER A 63 -18.78 7.90 33.84
C SER A 63 -19.63 7.93 35.11
N GLU A 64 -20.59 8.84 35.18
CA GLU A 64 -21.40 9.02 36.40
C GLU A 64 -22.88 9.09 36.03
N VAL A 65 -23.27 8.20 35.12
CA VAL A 65 -24.63 8.14 34.63
C VAL A 65 -25.33 7.08 35.48
N GLU A 66 -25.64 7.43 36.72
CA GLU A 66 -26.25 6.51 37.66
C GLU A 66 -27.78 6.64 37.78
N LYS A 67 -28.24 7.81 38.20
CA LYS A 67 -29.64 7.98 38.62
C LYS A 67 -30.60 8.58 37.58
N GLU A 68 -30.12 8.99 36.41
CA GLU A 68 -30.91 9.82 35.49
C GLU A 68 -32.07 9.04 34.88
N ASP A 69 -33.14 9.75 34.52
CA ASP A 69 -34.30 9.14 33.88
C ASP A 69 -33.96 8.58 32.51
N GLN A 70 -34.63 7.50 32.14
CA GLN A 70 -34.52 6.95 30.80
C GLN A 70 -35.07 7.93 29.76
N VAL A 71 -34.60 7.82 28.52
CA VAL A 71 -34.89 8.81 27.49
C VAL A 71 -35.57 8.19 26.29
N ASP A 72 -36.27 9.04 25.53
CA ASP A 72 -36.92 8.66 24.30
C ASP A 72 -35.95 8.68 23.13
N LEU A 73 -34.95 9.56 23.22
CA LEU A 73 -34.03 9.76 22.11
C LEU A 73 -32.63 10.04 22.59
N ILE A 74 -31.65 9.39 21.96
CA ILE A 74 -30.24 9.69 22.15
C ILE A 74 -29.70 10.23 20.83
N ILE A 75 -29.10 11.42 20.87
CA ILE A 75 -28.41 11.98 19.72
C ILE A 75 -26.91 11.88 19.98
N LEU A 76 -26.21 11.17 19.10
CA LEU A 76 -24.81 10.84 19.28
C LEU A 76 -23.88 11.84 18.59
N PHE A 77 -22.99 12.44 19.37
CA PHE A 77 -21.92 13.33 18.89
C PHE A 77 -20.58 12.84 19.45
N THR A 78 -20.30 11.56 19.28
CA THR A 78 -19.07 10.97 19.82
C THR A 78 -18.25 10.38 18.69
N LYS A 79 -16.93 10.61 18.68
CA LYS A 79 -16.06 10.00 17.67
C LYS A 79 -16.18 8.48 17.67
N ALA A 80 -15.95 7.89 16.50
CA ALA A 80 -16.04 6.43 16.31
C ALA A 80 -15.33 5.66 17.42
N MET A 81 -14.10 6.05 17.71
CA MET A 81 -13.26 5.28 18.64
C MET A 81 -13.75 5.37 20.09
N GLN A 82 -14.63 6.33 20.38
CA GLN A 82 -15.20 6.50 21.71
C GLN A 82 -16.67 6.07 21.82
N LEU A 83 -17.27 5.66 20.69
CA LEU A 83 -18.71 5.40 20.63
C LEU A 83 -19.17 4.22 21.48
N GLU A 84 -18.45 3.09 21.41
CA GLU A 84 -18.88 1.91 22.13
C GLU A 84 -18.80 2.15 23.66
N LYS A 85 -17.73 2.81 24.09
CA LYS A 85 -17.58 3.18 25.51
C LYS A 85 -18.69 4.14 25.97
N MET A 86 -19.00 5.16 25.17
CA MET A 86 -20.11 6.08 25.50
C MET A 86 -21.40 5.28 25.69
N LEU A 87 -21.73 4.43 24.73
CA LEU A 87 -22.95 3.62 24.81
C LEU A 87 -22.95 2.74 26.05
N GLN A 88 -21.83 2.11 26.34
CA GLN A 88 -21.68 1.28 27.55
C GLN A 88 -21.97 2.12 28.78
N ASP A 89 -21.38 3.30 28.83
CA ASP A 89 -21.57 4.22 29.96
C ASP A 89 -23.00 4.76 30.13
N ILE A 90 -23.74 4.91 29.03
CA ILE A 90 -25.08 5.50 29.11
C ILE A 90 -26.25 4.51 28.94
N GLN A 91 -25.94 3.22 28.90
CA GLN A 91 -26.96 2.21 28.55
C GLN A 91 -28.14 2.13 29.50
N SER A 92 -27.98 2.58 30.74
CA SER A 92 -29.10 2.60 31.69
C SER A 92 -30.24 3.55 31.29
N LEU A 93 -29.98 4.46 30.35
CA LEU A 93 -30.99 5.42 29.91
C LEU A 93 -31.84 4.87 28.79
N ILE A 94 -31.47 3.69 28.29
CA ILE A 94 -32.16 3.09 27.15
C ILE A 94 -33.36 2.26 27.62
N LYS A 95 -34.55 2.64 27.18
CA LYS A 95 -35.76 1.81 27.36
C LYS A 95 -36.08 1.14 26.03
N LYS A 96 -37.15 0.32 26.01
CA LYS A 96 -37.47 -0.51 24.86
C LYS A 96 -37.64 0.30 23.58
N ASP A 97 -38.30 1.45 23.69
CA ASP A 97 -38.63 2.28 22.52
C ASP A 97 -37.64 3.43 22.29
N THR A 98 -36.50 3.43 22.96
CA THR A 98 -35.53 4.51 22.77
C THR A 98 -34.96 4.50 21.36
N GLU A 99 -34.99 5.66 20.73
CA GLU A 99 -34.45 5.82 19.39
C GLU A 99 -33.07 6.44 19.49
N VAL A 100 -32.21 6.11 18.54
CA VAL A 100 -30.86 6.66 18.49
C VAL A 100 -30.65 7.35 17.15
N LEU A 101 -30.25 8.61 17.19
CA LEU A 101 -29.90 9.35 15.99
C LEU A 101 -28.40 9.57 16.01
N CYS A 102 -27.73 9.01 15.02
CA CYS A 102 -26.30 9.21 14.88
C CYS A 102 -26.02 10.37 13.93
N LEU A 103 -25.23 11.32 14.39
CA LEU A 103 -24.75 12.40 13.53
C LEU A 103 -23.24 12.27 13.27
N LEU A 104 -22.72 11.08 13.51
CA LEU A 104 -21.35 10.73 13.16
C LEU A 104 -21.29 10.32 11.71
N ASN A 105 -20.47 11.03 10.95
CA ASN A 105 -20.33 10.75 9.53
C ASN A 105 -19.31 9.62 9.36
N GLY A 106 -19.79 8.38 9.49
CA GLY A 106 -18.95 7.19 9.33
C GLY A 106 -19.73 5.92 9.07
N ILE A 107 -19.03 4.87 8.65
CA ILE A 107 -19.65 3.60 8.24
C ILE A 107 -19.52 2.50 9.28
N GLY A 108 -20.58 1.74 9.52
CA GLY A 108 -20.53 0.62 10.47
C GLY A 108 -20.82 0.97 11.92
N HIS A 109 -21.13 2.23 12.21
CA HIS A 109 -21.46 2.62 13.58
C HIS A 109 -22.69 1.87 14.05
N GLU A 110 -23.62 1.63 13.12
CA GLU A 110 -24.86 0.91 13.41
C GLU A 110 -24.58 -0.43 14.07
N ASP A 111 -23.48 -1.08 13.71
CA ASP A 111 -23.18 -2.40 14.28
C ASP A 111 -22.84 -2.32 15.76
N ILE A 112 -22.15 -1.26 16.16
CA ILE A 112 -21.93 -0.98 17.58
C ILE A 112 -23.26 -0.62 18.24
N ILE A 113 -23.98 0.33 17.64
CA ILE A 113 -25.23 0.84 18.22
C ILE A 113 -26.24 -0.31 18.39
N GLU A 114 -26.29 -1.21 17.42
CA GLU A 114 -27.21 -2.36 17.44
C GLU A 114 -27.07 -3.24 18.69
N LYS A 115 -25.91 -3.23 19.33
CA LYS A 115 -25.72 -3.98 20.57
C LYS A 115 -26.60 -3.45 21.71
N PHE A 116 -27.08 -2.20 21.56
CA PHE A 116 -27.79 -1.49 22.62
C PHE A 116 -29.24 -1.17 22.30
N VAL A 117 -29.55 -0.97 21.02
CA VAL A 117 -30.92 -0.80 20.57
C VAL A 117 -31.12 -1.55 19.24
N PRO A 118 -32.34 -2.04 18.98
CA PRO A 118 -32.55 -2.74 17.71
C PRO A 118 -32.42 -1.81 16.51
N MET A 119 -32.07 -2.39 15.37
CA MET A 119 -31.86 -1.67 14.13
C MET A 119 -33.05 -0.76 13.75
N GLU A 120 -34.26 -1.25 14.01
CA GLU A 120 -35.47 -0.49 13.68
C GLU A 120 -35.53 0.87 14.36
N ASN A 121 -34.81 1.02 15.48
CA ASN A 121 -34.81 2.26 16.27
C ASN A 121 -33.59 3.14 16.03
N ILE A 122 -32.80 2.82 15.01
CA ILE A 122 -31.59 3.56 14.71
C ILE A 122 -31.80 4.45 13.47
N TYR A 123 -31.33 5.68 13.59
CA TYR A 123 -31.41 6.65 12.49
C TYR A 123 -30.05 7.25 12.28
N ILE A 124 -29.73 7.56 11.03
CA ILE A 124 -28.45 8.12 10.66
C ILE A 124 -28.67 9.47 10.02
N GLY A 125 -27.79 10.43 10.30
CA GLY A 125 -27.94 11.74 9.73
C GLY A 125 -26.67 12.54 9.53
N ASN A 126 -26.83 13.67 8.83
CA ASN A 126 -25.79 14.63 8.61
C ASN A 126 -26.28 15.96 9.14
N THR A 127 -25.38 16.75 9.74
CA THR A 127 -25.75 18.09 10.18
C THR A 127 -24.89 19.10 9.45
N MET A 128 -25.51 20.19 8.99
CA MET A 128 -24.79 21.26 8.31
C MET A 128 -24.71 22.53 9.15
N TRP A 129 -25.13 22.43 10.42
CA TRP A 129 -24.93 23.50 11.39
C TRP A 129 -23.47 23.65 11.74
N THR A 130 -23.09 24.83 12.24
CA THR A 130 -21.76 25.04 12.80
C THR A 130 -21.87 25.41 14.27
N ALA A 131 -20.77 25.28 15.00
CA ALA A 131 -20.75 25.59 16.43
C ALA A 131 -19.31 25.65 16.91
N GLY A 132 -19.03 26.55 17.84
CA GLY A 132 -17.69 26.70 18.40
C GLY A 132 -17.68 26.59 19.91
N LEU A 133 -16.71 25.84 20.45
CA LEU A 133 -16.51 25.72 21.88
C LEU A 133 -15.42 26.69 22.35
N GLU A 134 -15.83 27.79 22.98
CA GLU A 134 -14.92 28.86 23.39
C GLU A 134 -14.11 28.47 24.63
N GLY A 135 -14.79 27.83 25.57
CA GLY A 135 -14.17 27.34 26.80
C GLY A 135 -15.12 26.41 27.51
N PRO A 136 -14.75 25.93 28.72
CA PRO A 136 -15.66 25.08 29.47
C PRO A 136 -16.99 25.79 29.73
N GLY A 137 -18.07 25.23 29.19
CA GLY A 137 -19.42 25.71 29.44
C GLY A 137 -19.73 26.94 28.63
N GLN A 138 -18.94 27.15 27.57
CA GLN A 138 -19.00 28.35 26.76
C GLN A 138 -19.03 28.01 25.28
N VAL A 139 -20.10 28.36 24.59
CA VAL A 139 -20.23 28.08 23.16
C VAL A 139 -20.59 29.34 22.38
N LYS A 140 -20.19 29.38 21.12
CA LYS A 140 -20.59 30.43 20.20
C LYS A 140 -21.32 29.75 19.06
N LEU A 141 -22.53 30.22 18.78
CA LEU A 141 -23.41 29.55 17.81
C LEU A 141 -23.65 30.40 16.55
N PHE A 142 -22.55 30.49 15.80
CA PHE A 142 -22.48 30.91 14.39
C PHE A 142 -23.73 31.50 13.71
N GLY A 143 -24.45 30.69 12.92
CA GLY A 143 -25.47 31.25 12.02
C GLY A 143 -26.54 30.27 11.54
N SER A 144 -26.47 29.84 10.28
CA SER A 144 -27.53 29.02 9.67
C SER A 144 -27.17 27.53 9.61
N GLY A 145 -28.13 26.65 9.25
CA GLY A 145 -27.82 25.22 9.08
C GLY A 145 -29.01 24.33 8.78
N SER A 146 -28.79 23.02 8.81
CA SER A 146 -29.85 22.03 8.57
C SER A 146 -29.42 20.63 9.02
N VAL A 147 -30.39 19.72 9.06
CA VAL A 147 -30.15 18.32 9.36
C VAL A 147 -30.91 17.46 8.37
N GLU A 148 -30.24 16.41 7.91
CA GLU A 148 -30.87 15.43 7.05
C GLU A 148 -30.65 14.07 7.68
N LEU A 149 -31.68 13.23 7.71
CA LEU A 149 -31.62 11.97 8.43
C LEU A 149 -32.43 10.89 7.76
N GLN A 150 -32.06 9.65 8.06
CA GLN A 150 -32.65 8.48 7.43
C GLN A 150 -32.80 7.33 8.42
N ASN A 151 -33.90 6.60 8.28
CA ASN A 151 -34.08 5.36 9.02
C ASN A 151 -33.16 4.25 8.53
N LEU A 152 -32.64 3.49 9.49
CA LEU A 152 -32.17 2.14 9.28
C LEU A 152 -33.32 1.30 9.86
N GLY A 153 -33.57 0.10 9.35
CA GLY A 153 -34.58 -0.77 9.97
C GLY A 153 -35.57 -1.45 9.03
N ASP A 154 -35.91 -0.77 7.93
CA ASP A 154 -36.97 -1.19 7.00
C ASP A 154 -38.35 -0.77 7.50
N GLY A 155 -39.08 -0.03 6.67
CA GLY A 155 -40.43 0.39 6.99
C GLY A 155 -40.55 1.50 8.02
N LYS A 156 -39.43 2.12 8.38
CA LYS A 156 -39.41 3.18 9.41
C LYS A 156 -39.28 4.59 8.80
N GLU A 157 -39.66 4.76 7.54
CA GLU A 157 -39.61 6.08 6.88
C GLU A 157 -40.53 7.08 7.56
N ALA A 158 -41.74 6.67 7.88
CA ALA A 158 -42.71 7.53 8.58
C ALA A 158 -42.16 7.97 9.93
N ALA A 159 -41.57 7.05 10.68
CA ALA A 159 -40.96 7.34 11.96
C ALA A 159 -39.79 8.34 11.82
N ALA A 160 -38.99 8.18 10.76
CA ALA A 160 -37.90 9.10 10.48
C ALA A 160 -38.42 10.50 10.17
N LYS A 161 -39.54 10.56 9.44
CA LYS A 161 -40.16 11.85 9.11
C LYS A 161 -40.71 12.58 10.36
N LYS A 162 -41.30 11.84 11.30
CA LYS A 162 -41.73 12.42 12.59
C LYS A 162 -40.55 12.92 13.44
N LEU A 163 -39.48 12.13 13.49
CA LEU A 163 -38.26 12.55 14.16
C LEU A 163 -37.75 13.85 13.56
N ALA A 164 -37.73 13.92 12.23
CA ALA A 164 -37.28 15.15 11.55
C ALA A 164 -38.18 16.33 11.95
N ASP A 165 -39.49 16.12 11.94
CA ASP A 165 -40.46 17.16 12.32
C ASP A 165 -40.19 17.65 13.74
N LYS A 166 -39.97 16.71 14.65
CA LYS A 166 -39.73 17.06 16.04
C LYS A 166 -38.48 17.90 16.23
N LEU A 167 -37.40 17.53 15.54
CA LEU A 167 -36.18 18.34 15.60
C LEU A 167 -36.42 19.72 14.97
N SER A 168 -37.22 19.77 13.90
CA SER A 168 -37.54 21.04 13.24
C SER A 168 -38.35 21.99 14.12
N GLU A 169 -39.13 21.43 15.06
CA GLU A 169 -39.85 22.25 16.02
C GLU A 169 -38.91 23.02 16.93
N SER A 170 -37.65 22.57 17.04
CA SER A 170 -36.63 23.28 17.82
C SER A 170 -35.71 24.14 16.97
N GLY A 171 -36.08 24.34 15.71
CA GLY A 171 -35.35 25.25 14.81
C GLY A 171 -34.16 24.61 14.12
N LEU A 172 -34.06 23.28 14.21
CA LEU A 172 -32.90 22.57 13.66
C LEU A 172 -33.01 22.31 12.17
N ASN A 173 -34.17 22.61 11.57
CA ASN A 173 -34.33 22.53 10.13
C ASN A 173 -33.98 21.13 9.59
N ALA A 174 -34.64 20.14 10.17
CA ALA A 174 -34.35 18.73 9.89
C ALA A 174 -35.29 18.18 8.82
N HIS A 175 -34.77 17.28 8.00
CA HIS A 175 -35.54 16.67 6.91
C HIS A 175 -35.17 15.22 6.71
N PHE A 176 -36.16 14.43 6.31
CA PHE A 176 -35.92 13.09 5.83
C PHE A 176 -35.21 13.12 4.49
N SER A 177 -34.23 12.24 4.34
CA SER A 177 -33.58 12.02 3.05
C SER A 177 -33.31 10.54 2.90
N ASP A 178 -33.62 9.96 1.74
CA ASP A 178 -33.31 8.55 1.50
C ASP A 178 -31.88 8.38 0.90
N ASN A 179 -31.11 9.47 0.92
CA ASN A 179 -29.79 9.63 0.27
C ASN A 179 -28.65 9.65 1.29
N ILE A 180 -28.98 9.40 2.56
CA ILE A 180 -27.99 9.49 3.60
C ILE A 180 -27.00 8.34 3.58
N HIS A 181 -27.48 7.11 3.37
CA HIS A 181 -26.59 5.97 3.20
C HIS A 181 -25.57 6.28 2.11
N TYR A 182 -26.08 6.71 0.96
CA TYR A 182 -25.24 7.03 -0.18
C TYR A 182 -24.19 8.08 0.18
N SER A 183 -24.62 9.16 0.82
CA SER A 183 -23.71 10.27 1.05
C SER A 183 -22.63 9.87 2.09
N ILE A 184 -22.98 9.00 3.03
CA ILE A 184 -22.06 8.48 4.02
C ILE A 184 -20.99 7.61 3.34
N TYR A 185 -21.41 6.80 2.37
CA TYR A 185 -20.48 6.01 1.60
C TYR A 185 -19.56 6.90 0.76
N ARG A 186 -20.12 7.93 0.14
CA ARG A 186 -19.33 8.84 -0.70
C ARG A 186 -18.28 9.57 0.13
N LYS A 187 -18.69 10.06 1.30
CA LYS A 187 -17.74 10.70 2.21
C LYS A 187 -16.67 9.71 2.71
N ALA A 188 -17.09 8.48 2.99
CA ALA A 188 -16.14 7.48 3.47
C ALA A 188 -15.09 7.15 2.40
N CYS A 189 -15.47 7.19 1.12
CA CYS A 189 -14.51 7.02 0.03
C CYS A 189 -13.41 8.09 0.11
N VAL A 190 -13.79 9.34 0.32
CA VAL A 190 -12.79 10.41 0.55
C VAL A 190 -11.92 10.08 1.77
N ASN A 191 -12.56 9.64 2.84
CA ASN A 191 -11.84 9.35 4.07
C ASN A 191 -10.98 8.08 3.94
N GLY A 192 -11.39 7.17 3.06
CA GLY A 192 -10.67 5.93 2.83
C GLY A 192 -9.57 6.00 1.78
N THR A 193 -9.36 7.19 1.21
CA THR A 193 -8.33 7.39 0.23
C THR A 193 -7.32 8.42 0.68
N MET A 194 -7.76 9.64 0.90
CA MET A 194 -6.85 10.74 1.26
C MET A 194 -6.08 10.44 2.55
N ASN A 195 -6.79 9.99 3.57
CA ASN A 195 -6.22 9.79 4.91
C ASN A 195 -5.08 8.77 4.96
N GLY A 196 -5.37 7.53 4.59
CA GLY A 196 -4.38 6.47 4.59
C GLY A 196 -3.21 6.70 3.67
N LEU A 197 -3.49 7.14 2.44
CA LEU A 197 -2.43 7.36 1.44
C LEU A 197 -1.49 8.47 1.84
N CYS A 198 -2.02 9.59 2.32
CA CYS A 198 -1.17 10.70 2.76
C CYS A 198 -0.34 10.31 3.99
N THR A 199 -0.96 9.57 4.90
CA THR A 199 -0.32 9.10 6.13
C THR A 199 0.86 8.20 5.82
N ILE A 200 0.66 7.25 4.91
CA ILE A 200 1.71 6.31 4.58
C ILE A 200 2.80 6.95 3.69
N LEU A 201 2.40 7.77 2.72
CA LEU A 201 3.37 8.35 1.77
C LEU A 201 4.06 9.61 2.30
N ASP A 202 3.55 10.15 3.40
CA ASP A 202 4.07 11.39 4.01
C ASP A 202 3.95 12.57 3.03
N VAL A 203 2.73 12.87 2.61
CA VAL A 203 2.45 13.93 1.64
C VAL A 203 1.16 14.62 2.01
N ASN A 204 1.00 15.89 1.61
CA ASN A 204 -0.30 16.53 1.71
C ASN A 204 -1.13 16.09 0.50
N MET A 205 -2.38 16.52 0.43
CA MET A 205 -3.29 16.00 -0.58
C MET A 205 -2.90 16.46 -1.98
N ALA A 206 -2.43 17.70 -2.09
CA ALA A 206 -1.93 18.21 -3.37
C ALA A 206 -0.72 17.40 -3.85
N GLU A 207 0.22 17.10 -2.95
CA GLU A 207 1.40 16.31 -3.36
C GLU A 207 1.00 14.88 -3.75
N LEU A 208 0.02 14.31 -3.05
CA LEU A 208 -0.49 12.99 -3.42
C LEU A 208 -0.99 13.03 -4.86
N GLY A 209 -1.77 14.07 -5.18
CA GLY A 209 -2.35 14.24 -6.50
C GLY A 209 -1.35 14.40 -7.64
N LYS A 210 -0.19 14.94 -7.31
CA LYS A 210 0.90 15.06 -8.27
C LYS A 210 1.64 13.75 -8.59
N THR A 211 1.37 12.67 -7.85
CA THR A 211 2.01 11.39 -8.12
C THR A 211 1.34 10.63 -9.27
N SER A 212 2.11 9.79 -9.93
CA SER A 212 1.68 9.12 -11.15
C SER A 212 0.66 8.04 -10.88
N THR A 213 0.65 7.50 -9.66
CA THR A 213 -0.20 6.36 -9.31
C THR A 213 -1.39 6.68 -8.40
N ALA A 214 -1.50 7.94 -7.96
CA ALA A 214 -2.60 8.34 -7.08
C ALA A 214 -3.96 8.03 -7.68
N HIS A 215 -4.14 8.29 -8.96
CA HIS A 215 -5.45 8.03 -9.58
C HIS A 215 -5.79 6.54 -9.53
N LYS A 216 -4.81 5.69 -9.88
CA LYS A 216 -5.03 4.25 -9.83
C LYS A 216 -5.39 3.78 -8.41
N MET A 217 -4.68 4.30 -7.42
CA MET A 217 -4.89 3.82 -6.06
C MET A 217 -6.27 4.27 -5.55
N VAL A 218 -6.62 5.52 -5.84
CA VAL A 218 -7.92 6.06 -5.47
C VAL A 218 -9.03 5.28 -6.17
N ALA A 219 -8.90 5.08 -7.49
CA ALA A 219 -9.93 4.36 -8.26
C ALA A 219 -10.14 2.94 -7.74
N THR A 220 -9.05 2.24 -7.46
CA THR A 220 -9.15 0.86 -6.95
C THR A 220 -9.87 0.82 -5.60
N ILE A 221 -9.51 1.73 -4.68
CA ILE A 221 -10.14 1.77 -3.37
C ILE A 221 -11.63 2.10 -3.48
N VAL A 222 -11.96 3.08 -4.29
CA VAL A 222 -13.37 3.47 -4.45
C VAL A 222 -14.19 2.29 -5.01
N ASN A 223 -13.59 1.53 -5.92
CA ASN A 223 -14.30 0.35 -6.46
C ASN A 223 -14.58 -0.71 -5.38
N GLU A 224 -13.67 -0.86 -4.42
CA GLU A 224 -13.92 -1.77 -3.28
C GLU A 224 -15.08 -1.27 -2.41
N PHE A 225 -15.06 0.00 -2.03
CA PHE A 225 -16.17 0.63 -1.31
C PHE A 225 -17.50 0.41 -2.06
N ALA A 226 -17.47 0.60 -3.38
CA ALA A 226 -18.67 0.49 -4.20
C ALA A 226 -19.21 -0.94 -4.33
N LYS A 227 -18.32 -1.93 -4.45
CA LYS A 227 -18.72 -3.35 -4.46
C LYS A 227 -19.45 -3.73 -3.16
N VAL A 228 -18.93 -3.27 -2.02
CA VAL A 228 -19.52 -3.54 -0.71
C VAL A 228 -20.86 -2.80 -0.56
N ALA A 229 -20.88 -1.54 -0.97
CA ALA A 229 -22.12 -0.74 -0.95
C ALA A 229 -23.22 -1.35 -1.82
N ALA A 230 -22.86 -1.89 -2.97
CA ALA A 230 -23.82 -2.54 -3.87
C ALA A 230 -24.55 -3.72 -3.20
N VAL A 231 -23.83 -4.47 -2.36
CA VAL A 231 -24.44 -5.54 -1.56
C VAL A 231 -25.53 -4.97 -0.66
N GLU A 232 -25.31 -3.77 -0.14
CA GLU A 232 -26.30 -3.12 0.70
C GLU A 232 -27.27 -2.24 -0.11
N LYS A 233 -27.41 -2.55 -1.40
CA LYS A 233 -28.36 -1.89 -2.30
C LYS A 233 -28.07 -0.41 -2.50
N ILE A 234 -26.80 -0.02 -2.39
CA ILE A 234 -26.38 1.35 -2.61
C ILE A 234 -25.48 1.35 -3.83
N GLU A 235 -25.89 2.03 -4.88
CA GLU A 235 -25.17 2.01 -6.14
C GLU A 235 -24.43 3.33 -6.33
N LEU A 236 -23.16 3.37 -5.93
CA LEU A 236 -22.37 4.58 -6.07
C LEU A 236 -22.09 4.89 -7.53
N ASP A 237 -22.16 6.17 -7.88
CA ASP A 237 -21.66 6.67 -9.15
C ASP A 237 -20.12 6.73 -9.03
N VAL A 238 -19.46 5.65 -9.42
CA VAL A 238 -18.02 5.53 -9.16
C VAL A 238 -17.19 6.67 -9.79
N PRO A 239 -17.44 6.99 -11.09
CA PRO A 239 -16.67 8.10 -11.65
C PRO A 239 -16.82 9.41 -10.86
N GLU A 240 -18.05 9.73 -10.45
CA GLU A 240 -18.29 10.95 -9.69
C GLU A 240 -17.57 10.86 -8.35
N VAL A 241 -17.70 9.73 -7.67
CA VAL A 241 -17.06 9.58 -6.36
C VAL A 241 -15.53 9.70 -6.48
N ILE A 242 -14.97 9.10 -7.52
CA ILE A 242 -13.53 9.22 -7.79
C ILE A 242 -13.16 10.70 -7.99
N ALA A 243 -13.93 11.39 -8.83
CA ALA A 243 -13.69 12.82 -9.05
C ALA A 243 -13.80 13.61 -7.74
N HIS A 244 -14.75 13.25 -6.89
CA HIS A 244 -14.92 13.92 -5.60
C HIS A 244 -13.71 13.70 -4.67
N CYS A 245 -13.21 12.47 -4.61
CA CYS A 245 -11.97 12.19 -3.90
C CYS A 245 -10.82 13.04 -4.45
N GLU A 246 -10.70 13.08 -5.77
CA GLU A 246 -9.59 13.77 -6.43
C GLU A 246 -9.68 15.30 -6.42
N SER A 247 -10.86 15.84 -6.14
CA SER A 247 -11.02 17.27 -5.91
C SER A 247 -10.22 17.75 -4.70
N CYS A 248 -9.90 16.85 -3.78
CA CYS A 248 -9.04 17.18 -2.63
C CYS A 248 -7.60 17.50 -3.03
N PHE A 249 -7.20 17.13 -4.23
CA PHE A 249 -5.85 17.42 -4.72
C PHE A 249 -5.64 18.92 -5.04
N ASP A 250 -6.72 19.68 -5.14
CA ASP A 250 -6.64 21.07 -5.60
C ASP A 250 -5.98 21.91 -4.51
N PRO A 251 -4.79 22.48 -4.79
CA PRO A 251 -4.15 23.31 -3.77
C PRO A 251 -4.92 24.61 -3.47
N GLU A 252 -5.81 25.03 -4.36
CA GLU A 252 -6.64 26.23 -4.16
C GLU A 252 -7.75 26.05 -3.11
N THR A 253 -8.18 24.80 -2.89
CA THR A 253 -9.18 24.51 -1.87
C THR A 253 -8.53 23.89 -0.64
N ILE A 254 -8.39 22.55 -0.63
CA ILE A 254 -7.86 21.86 0.56
C ILE A 254 -6.56 21.10 0.30
N GLY A 255 -6.02 21.15 -0.92
CA GLY A 255 -4.84 20.36 -1.30
C GLY A 255 -3.60 20.52 -0.42
N LEU A 256 -3.37 21.74 0.05
CA LEU A 256 -2.18 22.02 0.87
C LEU A 256 -2.33 21.46 2.29
N HIS A 257 -3.55 21.06 2.65
CA HIS A 257 -3.81 20.43 3.94
C HIS A 257 -3.30 18.99 4.00
N TYR A 258 -2.75 18.62 5.16
CA TYR A 258 -2.56 17.24 5.53
C TYR A 258 -3.82 16.73 6.21
N PRO A 259 -4.34 15.58 5.76
CA PRO A 259 -5.64 15.12 6.25
C PRO A 259 -5.64 14.69 7.71
N SER A 260 -6.83 14.60 8.32
CA SER A 260 -6.98 14.34 9.76
C SER A 260 -6.19 13.12 10.25
N MET A 261 -6.14 12.06 9.45
CA MET A 261 -5.42 10.86 9.86
C MET A 261 -3.93 11.12 9.99
N TYR A 262 -3.39 11.92 9.08
CA TYR A 262 -1.99 12.34 9.13
C TYR A 262 -1.76 13.16 10.41
N GLN A 263 -2.69 14.07 10.73
CA GLN A 263 -2.61 14.88 11.95
C GLN A 263 -2.62 13.99 13.19
N ASP A 264 -3.52 13.00 13.20
CA ASP A 264 -3.58 12.07 14.33
C ASP A 264 -2.26 11.34 14.54
N LEU A 265 -1.78 10.70 13.49
CA LEU A 265 -0.66 9.77 13.64
C LEU A 265 0.67 10.49 13.63
N ILE A 266 0.94 11.22 12.55
CA ILE A 266 2.28 11.77 12.32
C ILE A 266 2.55 12.94 13.28
N LYS A 267 1.54 13.80 13.48
CA LYS A 267 1.68 15.00 14.32
C LYS A 267 1.38 14.75 15.80
N ASN A 268 0.24 14.15 16.09
CA ASN A 268 -0.22 13.97 17.47
C ASN A 268 0.18 12.65 18.10
N HIS A 269 0.80 11.76 17.32
CA HIS A 269 1.21 10.44 17.77
C HIS A 269 0.08 9.73 18.48
N ARG A 270 -1.08 9.74 17.84
CA ARG A 270 -2.26 9.05 18.35
C ARG A 270 -2.71 8.00 17.36
N LEU A 271 -3.38 6.97 17.87
CA LEU A 271 -4.00 5.94 17.03
C LEU A 271 -4.96 6.58 16.05
N THR A 272 -5.02 6.03 14.85
CA THR A 272 -5.92 6.50 13.80
C THR A 272 -7.29 5.80 13.88
N GLU A 273 -8.23 6.36 13.14
CA GLU A 273 -9.55 5.80 12.96
C GLU A 273 -9.62 4.79 11.80
N ILE A 274 -8.48 4.26 11.37
CA ILE A 274 -8.41 3.44 10.16
C ILE A 274 -9.37 2.26 10.22
N ASP A 275 -9.55 1.68 11.41
CA ASP A 275 -10.43 0.52 11.54
C ASP A 275 -11.90 0.87 11.30
N TYR A 276 -12.24 2.14 11.37
CA TYR A 276 -13.62 2.59 11.16
C TYR A 276 -13.81 3.14 9.76
N ILE A 277 -12.75 3.12 8.94
CA ILE A 277 -12.84 3.61 7.58
C ILE A 277 -12.56 2.45 6.62
N ASN A 278 -11.31 2.24 6.23
CA ASN A 278 -10.99 1.12 5.35
C ASN A 278 -11.25 -0.22 6.04
N GLY A 279 -11.02 -0.28 7.35
CA GLY A 279 -11.29 -1.49 8.14
C GLY A 279 -12.75 -1.92 8.13
N ALA A 280 -13.66 -0.93 8.11
CA ALA A 280 -15.09 -1.18 8.07
C ALA A 280 -15.47 -1.83 6.75
N ILE A 281 -14.85 -1.37 5.67
CA ILE A 281 -15.03 -1.98 4.35
C ILE A 281 -14.43 -3.39 4.31
N SER A 282 -13.25 -3.59 4.91
CA SER A 282 -12.67 -4.93 5.02
C SER A 282 -13.59 -5.88 5.78
N ARG A 283 -14.15 -5.44 6.90
CA ARG A 283 -15.08 -6.26 7.70
C ARG A 283 -16.35 -6.65 6.91
N LYS A 284 -16.97 -5.69 6.24
CA LYS A 284 -18.12 -5.97 5.37
C LYS A 284 -17.74 -6.91 4.22
N GLY A 285 -16.57 -6.69 3.63
CA GLY A 285 -16.06 -7.55 2.56
C GLY A 285 -16.00 -9.01 3.00
N LYS A 286 -15.47 -9.25 4.19
CA LYS A 286 -15.41 -10.61 4.74
C LYS A 286 -16.81 -11.22 4.93
N LYS A 287 -17.73 -10.40 5.44
CA LYS A 287 -19.11 -10.84 5.68
C LYS A 287 -19.84 -11.13 4.36
N TYR A 288 -19.59 -10.31 3.35
CA TYR A 288 -20.32 -10.43 2.07
C TYR A 288 -19.64 -11.25 0.99
N GLY A 289 -18.43 -11.74 1.25
CA GLY A 289 -17.67 -12.47 0.24
C GLY A 289 -17.16 -11.57 -0.87
N VAL A 290 -16.74 -10.36 -0.52
CA VAL A 290 -16.27 -9.37 -1.49
C VAL A 290 -14.81 -9.04 -1.18
N ALA A 291 -13.96 -9.17 -2.19
CA ALA A 291 -12.53 -8.95 -2.01
C ALA A 291 -12.28 -7.46 -1.82
N THR A 292 -11.57 -7.09 -0.76
CA THR A 292 -11.21 -5.71 -0.51
C THR A 292 -9.70 -5.57 -0.20
N PRO A 293 -8.84 -6.04 -1.10
CA PRO A 293 -7.40 -6.14 -0.78
C PRO A 293 -6.71 -4.81 -0.52
N TYR A 294 -7.08 -3.77 -1.26
CA TYR A 294 -6.49 -2.45 -1.02
C TYR A 294 -6.88 -1.89 0.36
N CYS A 295 -8.16 -2.06 0.75
CA CYS A 295 -8.60 -1.66 2.10
C CYS A 295 -7.87 -2.48 3.16
N ASP A 296 -7.74 -3.79 2.93
CA ASP A 296 -6.98 -4.67 3.84
C ASP A 296 -5.55 -4.16 4.00
N PHE A 297 -4.86 -3.97 2.88
CA PHE A 297 -3.43 -3.60 2.85
C PHE A 297 -3.18 -2.21 3.45
N LEU A 298 -4.02 -1.24 3.09
CA LEU A 298 -3.88 0.12 3.59
C LEU A 298 -4.09 0.15 5.10
N THR A 299 -5.08 -0.62 5.58
CA THR A 299 -5.30 -0.75 7.00
C THR A 299 -4.08 -1.37 7.70
N GLU A 300 -3.58 -2.46 7.13
CA GLU A 300 -2.39 -3.13 7.64
C GLU A 300 -1.17 -2.22 7.66
N LEU A 301 -0.99 -1.42 6.62
CA LEU A 301 0.11 -0.47 6.55
C LEU A 301 0.02 0.62 7.60
N VAL A 302 -1.19 1.17 7.80
CA VAL A 302 -1.37 2.25 8.74
C VAL A 302 -1.13 1.73 10.16
N HIS A 303 -1.62 0.54 10.46
CA HIS A 303 -1.31 -0.09 11.74
C HIS A 303 0.17 -0.33 11.97
N ALA A 304 0.86 -0.78 10.93
CA ALA A 304 2.31 -0.97 11.00
C ALA A 304 3.00 0.36 11.27
N LYS A 305 2.50 1.43 10.67
CA LYS A 305 3.11 2.75 10.84
C LYS A 305 2.88 3.23 12.27
N GLU A 306 1.65 3.05 12.77
CA GLU A 306 1.32 3.32 14.17
C GLU A 306 2.28 2.59 15.10
N ASP A 307 2.42 1.29 14.89
CA ASP A 307 3.34 0.47 15.68
C ASP A 307 4.76 1.00 15.62
N SER A 308 5.22 1.35 14.43
CA SER A 308 6.60 1.81 14.24
C SER A 308 6.88 3.14 14.96
N LEU A 309 5.85 3.94 15.19
CA LEU A 309 5.96 5.18 15.94
C LEU A 309 5.60 5.01 17.41
N ASN A 310 5.37 3.78 17.86
CA ASN A 310 4.96 3.49 19.23
C ASN A 310 3.74 4.28 19.70
N VAL A 311 2.72 4.33 18.86
CA VAL A 311 1.64 5.27 19.11
C VAL A 311 0.58 4.78 20.09
N MET B 1 31.51 -22.83 -29.79
CA MET B 1 30.39 -21.86 -29.78
C MET B 1 30.83 -20.45 -30.20
N LYS B 2 29.91 -19.73 -30.86
CA LYS B 2 29.99 -18.28 -30.95
C LYS B 2 29.17 -17.73 -29.80
N ILE B 3 29.81 -16.98 -28.91
CA ILE B 3 29.19 -16.52 -27.68
C ILE B 3 29.23 -15.01 -27.61
N ALA B 4 28.09 -14.39 -27.32
CA ALA B 4 28.05 -12.96 -27.02
C ALA B 4 27.93 -12.80 -25.51
N ILE B 5 28.76 -11.91 -24.98
CA ILE B 5 28.71 -11.52 -23.57
C ILE B 5 28.01 -10.17 -23.51
N ALA B 6 26.72 -10.19 -23.14
CA ALA B 6 25.87 -8.98 -23.14
C ALA B 6 25.99 -8.33 -21.77
N GLY B 7 26.97 -7.43 -21.66
CA GLY B 7 27.36 -6.84 -20.38
C GLY B 7 28.77 -7.28 -20.03
N ALA B 8 29.75 -6.47 -20.42
CA ALA B 8 31.15 -6.82 -20.24
C ALA B 8 31.77 -6.14 -19.03
N GLY B 9 31.03 -6.11 -17.91
CA GLY B 9 31.56 -5.66 -16.64
C GLY B 9 32.54 -6.68 -16.09
N ALA B 10 32.79 -6.67 -14.80
CA ALA B 10 33.80 -7.55 -14.20
C ALA B 10 33.49 -9.03 -14.44
N MET B 11 32.26 -9.45 -14.18
CA MET B 11 31.88 -10.86 -14.33
C MET B 11 31.81 -11.27 -15.80
N GLY B 12 31.21 -10.42 -16.64
CA GLY B 12 31.18 -10.68 -18.09
C GLY B 12 32.58 -10.80 -18.67
N SER B 13 33.49 -9.94 -18.21
CA SER B 13 34.88 -10.00 -18.64
C SER B 13 35.55 -11.29 -18.19
N ARG B 14 35.25 -11.77 -16.98
CA ARG B 14 35.79 -13.06 -16.54
C ARG B 14 35.33 -14.15 -17.48
N PHE B 15 34.01 -14.24 -17.68
CA PHE B 15 33.42 -15.27 -18.53
C PHE B 15 33.96 -15.19 -19.95
N GLY B 16 34.01 -13.99 -20.51
CA GLY B 16 34.54 -13.76 -21.84
C GLY B 16 35.98 -14.22 -21.99
N LEU B 17 36.81 -13.84 -21.03
CA LEU B 17 38.21 -14.23 -21.03
C LEU B 17 38.38 -15.75 -20.93
N MET B 18 37.71 -16.36 -19.97
CA MET B 18 37.85 -17.79 -19.73
C MET B 18 37.35 -18.58 -20.95
N LEU B 19 36.20 -18.18 -21.49
CA LEU B 19 35.64 -18.82 -22.68
C LEU B 19 36.54 -18.69 -23.91
N HIS B 20 37.14 -17.51 -24.07
CA HIS B 20 38.07 -17.24 -25.16
C HIS B 20 39.29 -18.14 -25.06
N GLN B 21 39.90 -18.19 -23.88
CA GLN B 21 41.11 -18.99 -23.65
C GLN B 21 40.97 -20.44 -24.09
N SER B 22 39.77 -21.01 -23.96
CA SER B 22 39.52 -22.42 -24.28
C SER B 22 39.12 -22.66 -25.74
N GLY B 23 39.14 -21.61 -26.55
CA GLY B 23 38.96 -21.74 -27.99
C GLY B 23 37.60 -21.34 -28.52
N ASN B 24 36.78 -20.71 -27.67
CA ASN B 24 35.49 -20.21 -28.13
C ASN B 24 35.67 -18.88 -28.83
N GLU B 25 34.73 -18.55 -29.71
CA GLU B 25 34.69 -17.27 -30.37
C GLU B 25 33.76 -16.37 -29.55
N VAL B 26 34.32 -15.33 -28.95
CA VAL B 26 33.59 -14.48 -28.02
C VAL B 26 33.48 -13.04 -28.54
N LEU B 27 32.29 -12.47 -28.38
CA LEU B 27 32.07 -11.06 -28.62
C LEU B 27 31.58 -10.41 -27.32
N LEU B 28 32.31 -9.40 -26.87
CA LEU B 28 31.89 -8.60 -25.73
C LEU B 28 30.98 -7.47 -26.21
N ILE B 29 29.94 -7.20 -25.45
CA ILE B 29 29.01 -6.12 -25.75
C ILE B 29 28.80 -5.31 -24.49
N ASP B 30 29.01 -4.00 -24.58
CA ASP B 30 28.94 -3.13 -23.41
C ASP B 30 28.51 -1.70 -23.78
N GLY B 31 27.93 -1.00 -22.82
CA GLY B 31 27.47 0.37 -23.02
C GLY B 31 28.43 1.44 -22.57
N TRP B 32 29.51 1.06 -21.88
CA TRP B 32 30.47 2.02 -21.36
C TRP B 32 31.52 2.31 -22.44
N ALA B 33 31.39 3.47 -23.09
CA ALA B 33 32.21 3.85 -24.24
C ALA B 33 33.71 3.78 -24.01
N GLU B 34 34.17 4.23 -22.85
CA GLU B 34 35.61 4.23 -22.54
C GLU B 34 36.11 2.79 -22.36
N HIS B 35 35.24 1.93 -21.83
CA HIS B 35 35.52 0.50 -21.65
C HIS B 35 35.70 -0.18 -23.01
N VAL B 36 34.74 0.08 -23.90
CA VAL B 36 34.76 -0.48 -25.24
C VAL B 36 36.01 -0.03 -26.00
N GLN B 37 36.29 1.26 -25.96
CA GLN B 37 37.43 1.83 -26.70
C GLN B 37 38.77 1.31 -26.18
N GLN B 38 38.91 1.19 -24.86
CA GLN B 38 40.16 0.69 -24.27
C GLN B 38 40.42 -0.75 -24.71
N ILE B 39 39.39 -1.59 -24.66
CA ILE B 39 39.50 -2.99 -25.08
C ILE B 39 39.76 -3.09 -26.59
N LYS B 40 39.12 -2.24 -27.39
CA LYS B 40 39.39 -2.22 -28.83
C LYS B 40 40.87 -1.94 -29.09
N GLU B 41 41.40 -0.89 -28.44
CA GLU B 41 42.78 -0.46 -28.70
C GLU B 41 43.85 -1.34 -28.07
N HIS B 42 43.60 -1.84 -26.87
CA HIS B 42 44.63 -2.55 -26.09
C HIS B 42 44.25 -3.97 -25.68
N GLY B 43 43.06 -4.43 -26.06
CA GLY B 43 42.56 -5.73 -25.61
C GLY B 43 42.08 -5.64 -24.18
N LEU B 44 41.49 -6.74 -23.70
CA LEU B 44 41.12 -6.83 -22.30
C LEU B 44 42.34 -7.22 -21.47
N GLN B 45 42.69 -6.40 -20.48
CA GLN B 45 43.83 -6.65 -19.61
C GLN B 45 43.33 -7.22 -18.29
N ALA B 46 43.93 -8.31 -17.85
CA ALA B 46 43.50 -8.97 -16.64
C ALA B 46 44.67 -9.38 -15.76
N ASN B 47 44.49 -9.23 -14.46
CA ASN B 47 45.30 -9.92 -13.49
C ASN B 47 44.56 -11.19 -13.11
N PHE B 48 45.04 -12.32 -13.62
CA PHE B 48 44.27 -13.54 -13.49
C PHE B 48 44.55 -14.25 -12.15
N ASN B 49 45.60 -15.06 -12.02
CA ASN B 49 45.83 -15.78 -10.75
C ASN B 49 47.31 -15.88 -10.38
N GLY B 50 48.08 -14.80 -10.31
CA GLY B 50 47.70 -13.44 -10.68
C GLY B 50 48.71 -13.02 -11.72
N LYS B 51 48.50 -13.49 -12.95
CA LYS B 51 49.40 -13.21 -14.08
C LYS B 51 48.76 -12.10 -14.89
N GLU B 52 49.58 -11.15 -15.34
CA GLU B 52 49.10 -10.11 -16.23
C GLU B 52 48.89 -10.72 -17.61
N VAL B 53 47.63 -10.94 -17.97
CA VAL B 53 47.28 -11.55 -19.26
C VAL B 53 46.49 -10.57 -20.10
N GLU B 54 46.49 -10.80 -21.41
CA GLU B 54 45.65 -10.02 -22.30
C GLU B 54 45.04 -10.87 -23.40
N ALA B 55 43.95 -10.35 -23.94
CA ALA B 55 43.22 -11.03 -24.98
C ALA B 55 42.57 -9.97 -25.86
N LYS B 56 42.77 -10.07 -27.17
CA LYS B 56 42.19 -9.11 -28.09
C LYS B 56 40.76 -9.58 -28.42
N LEU B 57 39.87 -9.41 -27.45
CA LEU B 57 38.50 -9.86 -27.56
C LEU B 57 37.76 -8.89 -28.44
N PRO B 58 37.03 -9.41 -29.43
CA PRO B 58 36.09 -8.55 -30.16
C PRO B 58 35.13 -7.86 -29.18
N ILE B 59 34.91 -6.56 -29.37
CA ILE B 59 33.97 -5.84 -28.52
C ILE B 59 33.27 -4.78 -29.33
N VAL B 60 31.98 -4.63 -29.07
CA VAL B 60 31.18 -3.58 -29.71
C VAL B 60 30.34 -2.84 -28.67
N LEU B 61 30.18 -1.54 -28.88
CA LEU B 61 29.15 -0.77 -28.20
C LEU B 61 27.81 -1.44 -28.47
N GLN B 62 26.96 -1.50 -27.48
CA GLN B 62 25.71 -2.26 -27.60
C GLN B 62 24.78 -1.82 -28.73
N SER B 63 24.84 -0.54 -29.06
CA SER B 63 24.08 0.04 -30.16
C SER B 63 24.73 -0.11 -31.53
N GLU B 64 25.88 -0.80 -31.60
CA GLU B 64 26.67 -0.88 -32.82
C GLU B 64 27.07 -2.33 -33.16
N VAL B 65 26.09 -3.24 -33.18
CA VAL B 65 26.34 -4.66 -33.44
C VAL B 65 26.06 -5.15 -34.88
N GLU B 66 25.77 -4.27 -35.83
CA GLU B 66 25.23 -4.73 -37.11
C GLU B 66 26.26 -5.39 -38.01
N LYS B 67 27.54 -5.19 -37.77
CA LYS B 67 28.56 -5.88 -38.57
C LYS B 67 28.86 -7.31 -38.09
N GLU B 68 28.44 -7.65 -36.88
CA GLU B 68 28.91 -8.89 -36.24
C GLU B 68 28.13 -10.15 -36.64
N ASP B 69 28.82 -11.29 -36.59
CA ASP B 69 28.18 -12.59 -36.82
C ASP B 69 27.13 -12.90 -35.78
N GLN B 70 26.09 -13.61 -36.20
CA GLN B 70 25.10 -14.13 -35.29
C GLN B 70 25.76 -15.16 -34.36
N VAL B 71 25.19 -15.35 -33.18
CA VAL B 71 25.82 -16.18 -32.16
C VAL B 71 24.97 -17.37 -31.76
N ASP B 72 25.62 -18.38 -31.22
CA ASP B 72 24.98 -19.59 -30.71
C ASP B 72 24.48 -19.38 -29.29
N LEU B 73 25.14 -18.51 -28.55
CA LEU B 73 24.83 -18.33 -27.14
C LEU B 73 25.03 -16.89 -26.72
N ILE B 74 24.06 -16.35 -25.99
CA ILE B 74 24.18 -15.06 -25.34
C ILE B 74 24.17 -15.31 -23.83
N ILE B 75 25.19 -14.83 -23.15
CA ILE B 75 25.23 -14.83 -21.68
C ILE B 75 24.99 -13.40 -21.19
N LEU B 76 23.92 -13.23 -20.40
CA LEU B 76 23.45 -11.91 -19.99
C LEU B 76 24.01 -11.53 -18.63
N PHE B 77 24.69 -10.38 -18.60
CA PHE B 77 25.17 -9.76 -17.36
C PHE B 77 24.69 -8.30 -17.33
N THR B 78 23.40 -8.09 -17.53
CA THR B 78 22.83 -6.75 -17.58
C THR B 78 21.79 -6.61 -16.48
N LYS B 79 21.82 -5.51 -15.73
CA LYS B 79 20.78 -5.26 -14.72
C LYS B 79 19.37 -5.25 -15.32
N ALA B 80 18.39 -5.62 -14.50
CA ALA B 80 17.00 -5.71 -14.91
C ALA B 80 16.55 -4.48 -15.70
N MET B 81 16.86 -3.29 -15.18
CA MET B 81 16.39 -2.04 -15.77
C MET B 81 17.01 -1.73 -17.14
N GLN B 82 18.10 -2.43 -17.48
CA GLN B 82 18.76 -2.26 -18.77
C GLN B 82 18.58 -3.45 -19.72
N LEU B 83 17.92 -4.51 -19.28
CA LEU B 83 17.86 -5.78 -20.02
C LEU B 83 17.09 -5.69 -21.34
N GLU B 84 15.91 -5.09 -21.32
CA GLU B 84 15.09 -5.05 -22.52
C GLU B 84 15.77 -4.21 -23.59
N LYS B 85 16.36 -3.10 -23.20
CA LYS B 85 17.13 -2.26 -24.11
C LYS B 85 18.35 -3.00 -24.71
N MET B 86 19.11 -3.71 -23.87
CA MET B 86 20.24 -4.53 -24.35
C MET B 86 19.75 -5.51 -25.41
N LEU B 87 18.70 -6.25 -25.10
CA LEU B 87 18.15 -7.23 -26.06
C LEU B 87 17.70 -6.57 -27.35
N GLN B 88 17.00 -5.43 -27.24
CA GLN B 88 16.58 -4.67 -28.42
C GLN B 88 17.79 -4.31 -29.26
N ASP B 89 18.84 -3.80 -28.61
CA ASP B 89 20.06 -3.42 -29.30
C ASP B 89 20.82 -4.58 -29.96
N ILE B 90 20.80 -5.77 -29.36
CA ILE B 90 21.61 -6.88 -29.88
C ILE B 90 20.83 -7.91 -30.67
N GLN B 91 19.54 -7.65 -30.93
CA GLN B 91 18.65 -8.70 -31.48
C GLN B 91 19.04 -9.21 -32.86
N SER B 92 19.83 -8.42 -33.61
CA SER B 92 20.35 -8.88 -34.90
C SER B 92 21.32 -10.08 -34.81
N LEU B 93 21.84 -10.38 -33.62
CA LEU B 93 22.77 -11.50 -33.43
C LEU B 93 22.04 -12.80 -33.15
N ILE B 94 20.73 -12.71 -32.97
CA ILE B 94 19.91 -13.85 -32.61
C ILE B 94 19.46 -14.62 -33.85
N LYS B 95 19.89 -15.87 -33.96
CA LYS B 95 19.37 -16.78 -34.97
C LYS B 95 18.35 -17.71 -34.33
N LYS B 96 17.74 -18.57 -35.13
CA LYS B 96 16.64 -19.40 -34.67
C LYS B 96 17.01 -20.23 -33.44
N ASP B 97 18.21 -20.79 -33.44
CA ASP B 97 18.67 -21.71 -32.39
C ASP B 97 19.54 -21.06 -31.31
N THR B 98 19.59 -19.73 -31.28
CA THR B 98 20.41 -19.04 -30.28
C THR B 98 19.86 -19.30 -28.89
N GLU B 99 20.74 -19.70 -27.99
CA GLU B 99 20.36 -19.93 -26.60
C GLU B 99 20.74 -18.72 -25.78
N VAL B 100 19.98 -18.47 -24.72
CA VAL B 100 20.24 -17.35 -23.83
C VAL B 100 20.39 -17.87 -22.40
N LEU B 101 21.52 -17.54 -21.78
CA LEU B 101 21.77 -17.91 -20.38
C LEU B 101 21.76 -16.64 -19.57
N CYS B 102 20.79 -16.53 -18.67
CA CYS B 102 20.69 -15.39 -17.78
C CYS B 102 21.40 -15.68 -16.47
N LEU B 103 22.32 -14.79 -16.11
CA LEU B 103 22.98 -14.85 -14.80
C LEU B 103 22.55 -13.66 -13.95
N LEU B 104 21.44 -13.03 -14.33
CA LEU B 104 20.78 -12.01 -13.52
C LEU B 104 19.95 -12.73 -12.46
N ASN B 105 20.23 -12.45 -11.20
CA ASN B 105 19.48 -13.04 -10.11
C ASN B 105 18.21 -12.24 -9.88
N GLY B 106 17.17 -12.57 -10.66
CA GLY B 106 15.86 -11.92 -10.52
C GLY B 106 14.72 -12.69 -11.17
N ILE B 107 13.49 -12.35 -10.80
CA ILE B 107 12.29 -13.01 -11.31
C ILE B 107 11.63 -12.21 -12.44
N GLY B 108 11.14 -12.92 -13.46
CA GLY B 108 10.42 -12.29 -14.54
C GLY B 108 11.26 -11.84 -15.73
N HIS B 109 12.58 -12.03 -15.67
CA HIS B 109 13.44 -11.65 -16.79
C HIS B 109 13.11 -12.47 -18.03
N GLU B 110 12.76 -13.74 -17.81
CA GLU B 110 12.36 -14.64 -18.89
C GLU B 110 11.24 -14.08 -19.76
N ASP B 111 10.34 -13.29 -19.18
CA ASP B 111 9.24 -12.71 -19.97
C ASP B 111 9.74 -11.64 -20.96
N ILE B 112 10.74 -10.85 -20.55
CA ILE B 112 11.41 -9.93 -21.47
C ILE B 112 12.19 -10.73 -22.52
N ILE B 113 13.00 -11.69 -22.07
CA ILE B 113 13.84 -12.49 -22.97
C ILE B 113 12.99 -13.25 -24.00
N GLU B 114 11.84 -13.78 -23.56
CA GLU B 114 10.90 -14.51 -24.45
C GLU B 114 10.44 -13.72 -25.68
N LYS B 115 10.48 -12.40 -25.59
CA LYS B 115 10.14 -11.56 -26.75
C LYS B 115 11.13 -11.75 -27.90
N PHE B 116 12.31 -12.28 -27.58
CA PHE B 116 13.44 -12.37 -28.53
C PHE B 116 13.86 -13.78 -28.88
N VAL B 117 13.70 -14.71 -27.94
CA VAL B 117 13.94 -16.12 -28.20
C VAL B 117 12.85 -16.95 -27.52
N PRO B 118 12.49 -18.10 -28.12
CA PRO B 118 11.50 -18.96 -27.46
C PRO B 118 11.98 -19.49 -26.11
N MET B 119 11.01 -19.79 -25.24
CA MET B 119 11.26 -20.29 -23.91
C MET B 119 12.17 -21.52 -23.90
N GLU B 120 12.02 -22.39 -24.89
CA GLU B 120 12.82 -23.61 -25.00
C GLU B 120 14.33 -23.33 -25.09
N ASN B 121 14.69 -22.11 -25.51
CA ASN B 121 16.09 -21.73 -25.64
C ASN B 121 16.61 -20.83 -24.51
N ILE B 122 15.84 -20.72 -23.43
CA ILE B 122 16.23 -19.84 -22.32
C ILE B 122 16.68 -20.68 -21.12
N TYR B 123 17.80 -20.26 -20.53
CA TYR B 123 18.38 -20.93 -19.37
C TYR B 123 18.64 -19.89 -18.30
N ILE B 124 18.47 -20.29 -17.05
CA ILE B 124 18.66 -19.38 -15.91
C ILE B 124 19.74 -19.95 -15.01
N GLY B 125 20.56 -19.09 -14.45
CA GLY B 125 21.63 -19.55 -13.58
C GLY B 125 22.13 -18.58 -12.54
N ASN B 126 22.97 -19.09 -11.65
CA ASN B 126 23.65 -18.31 -10.63
C ASN B 126 25.13 -18.50 -10.83
N THR B 127 25.91 -17.45 -10.61
CA THR B 127 27.36 -17.59 -10.64
C THR B 127 27.93 -17.22 -9.26
N MET B 128 28.88 -18.03 -8.79
CA MET B 128 29.51 -17.80 -7.49
C MET B 128 30.98 -17.35 -7.64
N TRP B 129 31.38 -17.08 -8.88
CA TRP B 129 32.69 -16.48 -9.17
C TRP B 129 32.73 -15.04 -8.65
N THR B 130 33.95 -14.53 -8.43
CA THR B 130 34.12 -13.11 -8.16
C THR B 130 34.96 -12.47 -9.27
N ALA B 131 34.88 -11.16 -9.38
CA ALA B 131 35.62 -10.41 -10.40
C ALA B 131 35.60 -8.93 -10.07
N GLY B 132 36.69 -8.22 -10.34
CA GLY B 132 36.76 -6.79 -10.07
C GLY B 132 37.12 -5.99 -11.30
N LEU B 133 36.41 -4.88 -11.51
CA LEU B 133 36.71 -3.95 -12.60
C LEU B 133 37.55 -2.78 -12.08
N GLU B 134 38.85 -2.81 -12.38
CA GLU B 134 39.81 -1.82 -11.89
C GLU B 134 39.67 -0.50 -12.64
N GLY B 135 39.51 -0.59 -13.96
CA GLY B 135 39.33 0.58 -14.80
C GLY B 135 38.85 0.15 -16.17
N PRO B 136 38.71 1.10 -17.11
CA PRO B 136 38.31 0.73 -18.47
C PRO B 136 39.28 -0.28 -19.07
N GLY B 137 38.78 -1.48 -19.37
CA GLY B 137 39.56 -2.52 -20.03
C GLY B 137 40.51 -3.22 -19.09
N GLN B 138 40.27 -3.07 -17.78
CA GLN B 138 41.16 -3.60 -16.75
C GLN B 138 40.37 -4.37 -15.71
N VAL B 139 40.66 -5.67 -15.58
CA VAL B 139 39.97 -6.50 -14.60
C VAL B 139 40.99 -7.22 -13.72
N LYS B 140 40.58 -7.51 -12.48
CA LYS B 140 41.36 -8.41 -11.63
C LYS B 140 40.45 -9.59 -11.29
N LEU B 141 40.99 -10.79 -11.47
CA LEU B 141 40.23 -12.01 -11.36
C LEU B 141 40.94 -12.88 -10.36
N PHE B 142 40.34 -13.16 -9.21
CA PHE B 142 41.02 -13.99 -8.24
C PHE B 142 40.13 -15.10 -7.72
N GLY B 143 40.77 -16.23 -7.40
CA GLY B 143 40.15 -17.30 -6.65
C GLY B 143 39.28 -18.20 -7.48
N SER B 144 38.45 -18.97 -6.77
CA SER B 144 37.64 -19.99 -7.38
C SER B 144 36.18 -19.53 -7.46
N GLY B 145 35.34 -20.45 -7.92
CA GLY B 145 33.92 -20.17 -8.09
C GLY B 145 33.20 -21.32 -8.76
N SER B 146 31.96 -21.08 -9.14
CA SER B 146 31.13 -22.08 -9.81
C SER B 146 29.91 -21.43 -10.48
N VAL B 147 29.23 -22.23 -11.30
CA VAL B 147 27.99 -21.81 -11.94
C VAL B 147 26.99 -22.95 -11.81
N GLU B 148 25.75 -22.59 -11.53
CA GLU B 148 24.64 -23.52 -11.52
C GLU B 148 23.58 -22.97 -12.45
N LEU B 149 23.00 -23.83 -13.29
CA LEU B 149 22.05 -23.37 -14.30
C LEU B 149 20.96 -24.39 -14.60
N GLN B 150 19.84 -23.88 -15.12
CA GLN B 150 18.67 -24.68 -15.37
C GLN B 150 17.95 -24.25 -16.65
N ASN B 151 17.41 -25.23 -17.36
CA ASN B 151 16.53 -24.96 -18.49
C ASN B 151 15.18 -24.41 -18.03
N LEU B 152 14.67 -23.42 -18.74
CA LEU B 152 13.26 -23.04 -18.59
C LEU B 152 12.28 -23.82 -19.47
N GLY B 153 12.73 -24.35 -20.60
CA GLY B 153 11.80 -25.05 -21.48
C GLY B 153 11.70 -26.53 -21.17
N ASP B 154 10.49 -27.07 -21.27
CA ASP B 154 10.22 -28.49 -20.99
C ASP B 154 11.11 -29.35 -21.85
N GLY B 155 11.68 -30.39 -21.27
CA GLY B 155 12.46 -31.36 -22.01
C GLY B 155 13.84 -30.91 -22.45
N LYS B 156 14.33 -29.78 -21.93
CA LYS B 156 15.63 -29.26 -22.31
C LYS B 156 16.69 -29.50 -21.22
N GLU B 157 16.49 -30.48 -20.35
CA GLU B 157 17.48 -30.82 -19.31
C GLU B 157 18.81 -31.27 -19.92
N ALA B 158 18.75 -32.13 -20.93
CA ALA B 158 19.94 -32.63 -21.62
C ALA B 158 20.72 -31.47 -22.25
N ALA B 159 19.99 -30.56 -22.89
CA ALA B 159 20.59 -29.36 -23.46
C ALA B 159 21.26 -28.47 -22.37
N ALA B 160 20.62 -28.34 -21.21
CA ALA B 160 21.18 -27.58 -20.10
C ALA B 160 22.45 -28.23 -19.59
N LYS B 161 22.46 -29.56 -19.54
CA LYS B 161 23.64 -30.30 -19.08
C LYS B 161 24.82 -30.12 -20.04
N LYS B 162 24.55 -30.12 -21.34
CA LYS B 162 25.60 -29.85 -22.34
C LYS B 162 26.13 -28.43 -22.23
N LEU B 163 25.24 -27.47 -22.05
CA LEU B 163 25.64 -26.09 -21.84
C LEU B 163 26.57 -26.00 -20.63
N ALA B 164 26.19 -26.67 -19.54
CA ALA B 164 27.02 -26.70 -18.33
C ALA B 164 28.38 -27.30 -18.64
N ASP B 165 28.40 -28.41 -19.38
CA ASP B 165 29.65 -29.08 -19.77
C ASP B 165 30.54 -28.15 -20.58
N LYS B 166 29.93 -27.45 -21.54
CA LYS B 166 30.65 -26.53 -22.40
C LYS B 166 31.29 -25.40 -21.59
N LEU B 167 30.56 -24.83 -20.64
CA LEU B 167 31.12 -23.79 -19.78
C LEU B 167 32.23 -24.37 -18.91
N SER B 168 32.03 -25.60 -18.42
CA SER B 168 33.04 -26.27 -17.60
C SER B 168 34.35 -26.56 -18.35
N GLU B 169 34.26 -26.73 -19.67
CA GLU B 169 35.46 -26.88 -20.48
C GLU B 169 36.34 -25.64 -20.45
N SER B 170 35.75 -24.49 -20.12
CA SER B 170 36.49 -23.25 -20.02
C SER B 170 36.87 -22.90 -18.58
N GLY B 171 36.70 -23.86 -17.66
CA GLY B 171 37.13 -23.72 -16.28
C GLY B 171 36.12 -23.05 -15.37
N LEU B 172 34.89 -22.86 -15.86
CA LEU B 172 33.87 -22.13 -15.14
C LEU B 172 33.14 -22.98 -14.10
N ASN B 173 33.41 -24.28 -14.07
CA ASN B 173 32.88 -25.14 -13.03
C ASN B 173 31.35 -25.06 -12.96
N ALA B 174 30.71 -25.30 -14.11
CA ALA B 174 29.27 -25.16 -14.26
C ALA B 174 28.57 -26.48 -14.04
N HIS B 175 27.36 -26.44 -13.48
CA HIS B 175 26.56 -27.63 -13.25
C HIS B 175 25.09 -27.39 -13.45
N PHE B 176 24.40 -28.41 -13.94
CA PHE B 176 22.94 -28.42 -13.95
C PHE B 176 22.41 -28.51 -12.53
N SER B 177 21.36 -27.74 -12.25
CA SER B 177 20.58 -27.88 -11.03
C SER B 177 19.12 -27.72 -11.36
N ASP B 178 18.26 -28.60 -10.84
CA ASP B 178 16.82 -28.47 -11.07
C ASP B 178 16.15 -27.61 -10.01
N ASN B 179 16.93 -26.92 -9.21
CA ASN B 179 16.34 -26.16 -8.11
C ASN B 179 16.53 -24.66 -8.27
N ILE B 180 17.10 -24.24 -9.40
CA ILE B 180 17.43 -22.82 -9.66
C ILE B 180 16.16 -21.98 -9.73
N HIS B 181 15.16 -22.46 -10.43
CA HIS B 181 13.96 -21.69 -10.71
C HIS B 181 13.23 -21.44 -9.38
N TYR B 182 13.11 -22.51 -8.59
CA TYR B 182 12.51 -22.45 -7.27
C TYR B 182 13.24 -21.46 -6.40
N SER B 183 14.57 -21.55 -6.37
CA SER B 183 15.36 -20.73 -5.45
C SER B 183 15.32 -19.25 -5.86
N ILE B 184 15.18 -19.00 -7.16
CA ILE B 184 15.02 -17.65 -7.68
C ILE B 184 13.66 -17.06 -7.23
N TYR B 185 12.60 -17.88 -7.27
CA TYR B 185 11.28 -17.44 -6.78
C TYR B 185 11.32 -17.18 -5.28
N ARG B 186 11.98 -18.06 -4.54
CA ARG B 186 12.10 -17.90 -3.08
C ARG B 186 12.84 -16.62 -2.72
N LYS B 187 13.96 -16.37 -3.38
CA LYS B 187 14.67 -15.11 -3.21
C LYS B 187 13.79 -13.89 -3.59
N ALA B 188 13.04 -14.00 -4.68
CA ALA B 188 12.21 -12.87 -5.12
C ALA B 188 11.13 -12.52 -4.11
N CYS B 189 10.64 -13.54 -3.39
CA CYS B 189 9.68 -13.32 -2.31
C CYS B 189 10.30 -12.43 -1.22
N VAL B 190 11.55 -12.69 -0.86
CA VAL B 190 12.28 -11.81 0.07
C VAL B 190 12.39 -10.40 -0.52
N ASN B 191 12.74 -10.31 -1.81
CA ASN B 191 12.92 -9.02 -2.47
C ASN B 191 11.59 -8.29 -2.68
N GLY B 192 10.51 -9.05 -2.78
CA GLY B 192 9.18 -8.50 -2.93
C GLY B 192 8.45 -8.15 -1.64
N THR B 193 9.10 -8.37 -0.50
CA THR B 193 8.50 -8.07 0.79
C THR B 193 9.32 -7.04 1.57
N MET B 194 10.58 -7.37 1.86
CA MET B 194 11.42 -6.51 2.69
C MET B 194 11.65 -5.15 2.04
N ASN B 195 11.97 -5.16 0.75
CA ASN B 195 12.30 -3.95 0.02
C ASN B 195 11.17 -2.91 0.01
N GLY B 196 10.04 -3.25 -0.60
CA GLY B 196 8.90 -2.33 -0.70
C GLY B 196 8.33 -1.87 0.63
N LEU B 197 8.15 -2.81 1.56
CA LEU B 197 7.55 -2.49 2.87
C LEU B 197 8.44 -1.57 3.68
N CYS B 198 9.75 -1.84 3.69
CA CYS B 198 10.68 -0.97 4.46
C CYS B 198 10.76 0.41 3.83
N THR B 199 10.77 0.43 2.50
CA THR B 199 10.83 1.69 1.75
C THR B 199 9.61 2.56 2.03
N ILE B 200 8.43 1.96 2.01
CA ILE B 200 7.19 2.73 2.24
C ILE B 200 6.99 3.11 3.71
N LEU B 201 7.28 2.20 4.63
CA LEU B 201 7.05 2.47 6.06
C LEU B 201 8.19 3.24 6.74
N ASP B 202 9.32 3.38 6.05
CA ASP B 202 10.51 4.05 6.58
C ASP B 202 11.05 3.36 7.82
N VAL B 203 11.41 2.08 7.65
CA VAL B 203 11.87 1.26 8.75
C VAL B 203 12.96 0.34 8.24
N ASN B 204 13.84 -0.11 9.13
CA ASN B 204 14.74 -1.22 8.80
C ASN B 204 13.96 -2.52 8.92
N MET B 205 14.60 -3.64 8.63
CA MET B 205 13.89 -4.90 8.61
C MET B 205 13.47 -5.35 9.99
N ALA B 206 14.32 -5.12 10.99
CA ALA B 206 13.95 -5.40 12.38
C ALA B 206 12.73 -4.59 12.83
N GLU B 207 12.68 -3.31 12.49
CA GLU B 207 11.52 -2.49 12.88
C GLU B 207 10.25 -2.93 12.14
N LEU B 208 10.39 -3.34 10.88
CA LEU B 208 9.24 -3.90 10.17
C LEU B 208 8.70 -5.12 10.93
N GLY B 209 9.60 -6.00 11.33
CA GLY B 209 9.24 -7.22 12.05
C GLY B 209 8.59 -7.00 13.39
N LYS B 210 8.88 -5.87 14.03
CA LYS B 210 8.22 -5.49 15.29
C LYS B 210 6.78 -5.02 15.13
N THR B 211 6.30 -4.81 13.90
CA THR B 211 4.91 -4.36 13.71
C THR B 211 3.92 -5.53 13.78
N SER B 212 2.67 -5.24 14.15
CA SER B 212 1.66 -6.26 14.37
C SER B 212 1.15 -6.88 13.08
N THR B 213 1.29 -6.16 11.98
CA THR B 213 0.75 -6.60 10.67
C THR B 213 1.79 -7.07 9.66
N ALA B 214 3.08 -7.02 10.01
CA ALA B 214 4.13 -7.42 9.07
C ALA B 214 3.90 -8.87 8.60
N HIS B 215 3.50 -9.75 9.49
CA HIS B 215 3.31 -11.14 9.12
C HIS B 215 2.20 -11.27 8.08
N LYS B 216 1.08 -10.60 8.32
CA LYS B 216 -0.01 -10.63 7.38
C LYS B 216 0.41 -10.09 6.02
N MET B 217 1.14 -9.00 6.00
CA MET B 217 1.51 -8.36 4.72
C MET B 217 2.49 -9.25 3.94
N VAL B 218 3.46 -9.79 4.66
CA VAL B 218 4.42 -10.72 4.07
C VAL B 218 3.69 -11.96 3.53
N ALA B 219 2.83 -12.56 4.35
CA ALA B 219 2.13 -13.78 3.98
C ALA B 219 1.28 -13.58 2.74
N THR B 220 0.58 -12.45 2.69
CA THR B 220 -0.28 -12.15 1.56
C THR B 220 0.53 -12.02 0.28
N ILE B 221 1.64 -11.30 0.35
CA ILE B 221 2.50 -11.10 -0.83
C ILE B 221 3.10 -12.42 -1.30
N VAL B 222 3.60 -13.23 -0.38
CA VAL B 222 4.22 -14.50 -0.74
C VAL B 222 3.20 -15.42 -1.43
N ASN B 223 1.95 -15.38 -0.96
CA ASN B 223 0.90 -16.17 -1.60
C ASN B 223 0.62 -15.75 -3.03
N GLU B 224 0.73 -14.46 -3.31
CA GLU B 224 0.59 -13.97 -4.67
C GLU B 224 1.74 -14.49 -5.55
N PHE B 225 2.98 -14.35 -5.09
CA PHE B 225 4.14 -14.94 -5.77
C PHE B 225 3.93 -16.44 -6.05
N ALA B 226 3.44 -17.16 -5.04
CA ALA B 226 3.25 -18.61 -5.13
C ALA B 226 2.16 -19.04 -6.11
N LYS B 227 1.06 -18.27 -6.16
CA LYS B 227 -0.02 -18.55 -7.12
C LYS B 227 0.47 -18.40 -8.56
N VAL B 228 1.24 -17.35 -8.80
CA VAL B 228 1.82 -17.11 -10.10
C VAL B 228 2.89 -18.18 -10.44
N ALA B 229 3.73 -18.53 -9.47
CA ALA B 229 4.75 -19.58 -9.63
C ALA B 229 4.13 -20.95 -9.95
N ALA B 230 3.00 -21.25 -9.30
CA ALA B 230 2.30 -22.51 -9.56
C ALA B 230 1.85 -22.65 -11.02
N VAL B 231 1.43 -21.56 -11.63
CA VAL B 231 1.08 -21.54 -13.06
C VAL B 231 2.31 -21.93 -13.89
N GLU B 232 3.48 -21.51 -13.45
CA GLU B 232 4.73 -21.85 -14.14
C GLU B 232 5.36 -23.17 -13.60
N LYS B 233 4.53 -24.02 -12.98
CA LYS B 233 4.92 -25.37 -12.55
C LYS B 233 5.97 -25.34 -11.46
N ILE B 234 5.97 -24.28 -10.66
CA ILE B 234 6.86 -24.18 -9.51
C ILE B 234 6.00 -24.10 -8.26
N GLU B 235 6.13 -25.10 -7.38
CA GLU B 235 5.29 -25.20 -6.21
C GLU B 235 6.05 -24.80 -4.96
N LEU B 236 5.95 -23.53 -4.58
CA LEU B 236 6.65 -23.02 -3.40
C LEU B 236 6.08 -23.61 -2.11
N ASP B 237 6.97 -23.93 -1.18
CA ASP B 237 6.58 -24.23 0.20
C ASP B 237 6.30 -22.89 0.88
N VAL B 238 5.04 -22.46 0.85
CA VAL B 238 4.69 -21.12 1.30
C VAL B 238 5.08 -20.84 2.76
N PRO B 239 4.74 -21.76 3.69
CA PRO B 239 5.18 -21.51 5.07
C PRO B 239 6.69 -21.32 5.20
N GLU B 240 7.48 -22.16 4.53
CA GLU B 240 8.94 -22.02 4.60
C GLU B 240 9.37 -20.69 4.00
N VAL B 241 8.83 -20.35 2.84
CA VAL B 241 9.21 -19.10 2.20
C VAL B 241 8.87 -17.89 3.06
N ILE B 242 7.69 -17.91 3.68
CA ILE B 242 7.30 -16.87 4.63
C ILE B 242 8.31 -16.79 5.78
N ALA B 243 8.64 -17.93 6.38
CA ALA B 243 9.63 -17.96 7.47
C ALA B 243 10.98 -17.40 7.01
N HIS B 244 11.35 -17.72 5.77
CA HIS B 244 12.61 -17.23 5.20
C HIS B 244 12.61 -15.70 5.04
N CYS B 245 11.50 -15.14 4.53
CA CYS B 245 11.33 -13.69 4.50
C CYS B 245 11.46 -13.09 5.90
N GLU B 246 10.79 -13.72 6.88
CA GLU B 246 10.74 -13.19 8.23
C GLU B 246 12.04 -13.35 9.03
N SER B 247 12.93 -14.24 8.58
CA SER B 247 14.26 -14.35 9.16
C SER B 247 15.08 -13.05 8.99
N CYS B 248 14.71 -12.22 8.03
CA CYS B 248 15.33 -10.89 7.87
C CYS B 248 15.05 -9.93 9.02
N PHE B 249 14.01 -10.21 9.81
CA PHE B 249 13.65 -9.37 10.95
C PHE B 249 14.64 -9.46 12.12
N ASP B 250 15.51 -10.46 12.12
CA ASP B 250 16.35 -10.71 13.32
C ASP B 250 17.38 -9.59 13.45
N PRO B 251 17.29 -8.76 14.51
CA PRO B 251 18.29 -7.70 14.66
C PRO B 251 19.74 -8.18 14.91
N GLU B 252 19.90 -9.41 15.39
CA GLU B 252 21.24 -9.97 15.63
C GLU B 252 21.99 -10.33 14.33
N THR B 253 21.24 -10.57 13.25
CA THR B 253 21.86 -10.89 11.96
C THR B 253 21.78 -9.69 11.00
N ILE B 254 20.67 -9.60 10.26
CA ILE B 254 20.48 -8.65 9.18
C ILE B 254 19.40 -7.57 9.48
N GLY B 255 18.67 -7.74 10.58
CA GLY B 255 17.51 -6.88 10.87
C GLY B 255 17.79 -5.38 10.94
N LEU B 256 18.96 -5.00 11.44
CA LEU B 256 19.29 -3.57 11.57
C LEU B 256 19.59 -2.94 10.22
N HIS B 257 19.80 -3.76 9.20
CA HIS B 257 20.06 -3.30 7.83
C HIS B 257 18.76 -2.76 7.15
N TYR B 258 18.90 -1.64 6.47
CA TYR B 258 17.87 -1.14 5.56
C TYR B 258 18.10 -1.80 4.20
N PRO B 259 17.03 -2.36 3.60
CA PRO B 259 17.23 -3.14 2.37
C PRO B 259 17.63 -2.29 1.17
N SER B 260 18.17 -2.93 0.14
CA SER B 260 18.70 -2.22 -1.04
C SER B 260 17.72 -1.19 -1.65
N MET B 261 16.43 -1.53 -1.70
CA MET B 261 15.43 -0.60 -2.28
C MET B 261 15.32 0.68 -1.48
N TYR B 262 15.39 0.56 -0.16
CA TYR B 262 15.42 1.70 0.74
C TYR B 262 16.66 2.55 0.47
N GLN B 263 17.81 1.90 0.30
CA GLN B 263 19.07 2.59 -0.03
C GLN B 263 18.93 3.33 -1.36
N ASP B 264 18.38 2.67 -2.37
CA ASP B 264 18.18 3.30 -3.67
C ASP B 264 17.34 4.58 -3.57
N LEU B 265 16.16 4.46 -2.96
CA LEU B 265 15.21 5.55 -2.99
C LEU B 265 15.44 6.59 -1.90
N ILE B 266 15.40 6.15 -0.65
CA ILE B 266 15.40 7.07 0.49
C ILE B 266 16.76 7.74 0.65
N LYS B 267 17.83 6.95 0.48
CA LYS B 267 19.20 7.47 0.63
C LYS B 267 19.78 8.07 -0.64
N ASN B 268 19.74 7.31 -1.74
CA ASN B 268 20.42 7.72 -2.97
C ASN B 268 19.53 8.52 -3.93
N HIS B 269 18.25 8.66 -3.59
CA HIS B 269 17.26 9.35 -4.43
C HIS B 269 17.33 8.85 -5.87
N ARG B 270 17.32 7.53 -6.01
CA ARG B 270 17.30 6.89 -7.31
C ARG B 270 16.05 6.05 -7.48
N LEU B 271 15.63 5.87 -8.72
CA LEU B 271 14.51 4.99 -9.03
C LEU B 271 14.78 3.57 -8.54
N THR B 272 13.73 2.89 -8.09
CA THR B 272 13.83 1.53 -7.60
C THR B 272 13.61 0.51 -8.72
N GLU B 273 13.96 -0.73 -8.41
CA GLU B 273 13.71 -1.86 -9.28
C GLU B 273 12.34 -2.50 -9.04
N ILE B 274 11.41 -1.74 -8.45
CA ILE B 274 10.11 -2.29 -8.07
C ILE B 274 9.38 -2.96 -9.26
N ASP B 275 9.50 -2.40 -10.46
CA ASP B 275 8.80 -2.98 -11.62
C ASP B 275 9.33 -4.36 -12.01
N TYR B 276 10.53 -4.71 -11.54
CA TYR B 276 11.16 -5.98 -11.83
C TYR B 276 11.06 -6.96 -10.68
N ILE B 277 10.39 -6.55 -9.60
CA ILE B 277 10.15 -7.44 -8.48
C ILE B 277 8.64 -7.65 -8.35
N ASN B 278 7.95 -6.82 -7.56
CA ASN B 278 6.50 -6.97 -7.43
C ASN B 278 5.80 -6.74 -8.78
N GLY B 279 6.33 -5.83 -9.59
CA GLY B 279 5.75 -5.53 -10.91
C GLY B 279 5.75 -6.71 -11.84
N ALA B 280 6.79 -7.55 -11.72
CA ALA B 280 6.91 -8.73 -12.56
C ALA B 280 5.82 -9.72 -12.21
N ILE B 281 5.53 -9.83 -10.90
CA ILE B 281 4.44 -10.68 -10.43
C ILE B 281 3.08 -10.10 -10.88
N SER B 282 2.92 -8.78 -10.83
CA SER B 282 1.69 -8.14 -11.34
C SER B 282 1.48 -8.45 -12.82
N ARG B 283 2.53 -8.33 -13.61
CA ARG B 283 2.45 -8.61 -15.05
C ARG B 283 2.06 -10.06 -15.36
N LYS B 284 2.71 -11.01 -14.71
CA LYS B 284 2.36 -12.43 -14.83
C LYS B 284 0.93 -12.70 -14.37
N GLY B 285 0.53 -12.05 -13.26
CA GLY B 285 -0.85 -12.17 -12.76
C GLY B 285 -1.90 -11.78 -13.80
N LYS B 286 -1.66 -10.67 -14.49
CA LYS B 286 -2.56 -10.21 -15.55
C LYS B 286 -2.65 -11.22 -16.69
N LYS B 287 -1.49 -11.76 -17.06
CA LYS B 287 -1.40 -12.74 -18.14
C LYS B 287 -2.10 -14.06 -17.76
N TYR B 288 -1.94 -14.49 -16.51
CA TYR B 288 -2.46 -15.77 -16.07
C TYR B 288 -3.87 -15.74 -15.45
N GLY B 289 -4.47 -14.56 -15.32
CA GLY B 289 -5.76 -14.43 -14.64
C GLY B 289 -5.65 -14.69 -13.14
N VAL B 290 -4.55 -14.24 -12.53
CA VAL B 290 -4.30 -14.44 -11.12
C VAL B 290 -4.25 -13.06 -10.45
N ALA B 291 -5.07 -12.86 -9.43
CA ALA B 291 -5.15 -11.59 -8.75
C ALA B 291 -3.87 -11.38 -7.94
N THR B 292 -3.22 -10.23 -8.10
CA THR B 292 -2.03 -9.88 -7.33
C THR B 292 -2.12 -8.45 -6.74
N PRO B 293 -3.19 -8.17 -5.99
CA PRO B 293 -3.47 -6.81 -5.56
C PRO B 293 -2.41 -6.21 -4.65
N TYR B 294 -1.81 -7.00 -3.76
CA TYR B 294 -0.77 -6.45 -2.87
C TYR B 294 0.48 -6.08 -3.69
N CYS B 295 0.85 -6.90 -4.67
CA CYS B 295 1.96 -6.56 -5.58
C CYS B 295 1.63 -5.33 -6.40
N ASP B 296 0.39 -5.24 -6.87
CA ASP B 296 -0.09 -4.04 -7.60
C ASP B 296 0.04 -2.77 -6.73
N PHE B 297 -0.52 -2.85 -5.52
CA PHE B 297 -0.59 -1.71 -4.58
C PHE B 297 0.80 -1.29 -4.08
N LEU B 298 1.62 -2.26 -3.71
CA LEU B 298 2.96 -1.96 -3.23
C LEU B 298 3.76 -1.28 -4.34
N THR B 299 3.62 -1.77 -5.58
CA THR B 299 4.29 -1.16 -6.71
C THR B 299 3.81 0.28 -6.90
N GLU B 300 2.50 0.45 -6.88
CA GLU B 300 1.92 1.79 -7.00
C GLU B 300 2.42 2.72 -5.88
N LEU B 301 2.49 2.21 -4.65
CA LEU B 301 2.93 3.02 -3.52
C LEU B 301 4.41 3.43 -3.63
N VAL B 302 5.25 2.51 -4.05
CA VAL B 302 6.68 2.81 -4.19
C VAL B 302 6.87 3.85 -5.27
N HIS B 303 6.14 3.72 -6.38
CA HIS B 303 6.20 4.74 -7.42
C HIS B 303 5.74 6.11 -6.94
N ALA B 304 4.64 6.14 -6.17
CA ALA B 304 4.15 7.38 -5.60
C ALA B 304 5.20 8.01 -4.65
N LYS B 305 5.93 7.17 -3.92
CA LYS B 305 6.94 7.66 -2.99
C LYS B 305 8.13 8.23 -3.78
N GLU B 306 8.56 7.52 -4.83
CA GLU B 306 9.53 8.04 -5.80
C GLU B 306 9.10 9.43 -6.28
N ASP B 307 7.87 9.52 -6.76
CA ASP B 307 7.35 10.77 -7.29
C ASP B 307 7.38 11.88 -6.24
N SER B 308 6.98 11.55 -5.01
CA SER B 308 6.92 12.54 -3.94
C SER B 308 8.29 13.08 -3.57
N LEU B 309 9.35 12.30 -3.82
CA LEU B 309 10.73 12.73 -3.61
C LEU B 309 11.36 13.33 -4.87
N ASN B 310 10.56 13.54 -5.92
CA ASN B 310 11.02 14.03 -7.22
C ASN B 310 12.12 13.12 -7.78
N VAL B 311 11.86 11.82 -7.69
CA VAL B 311 12.69 10.84 -8.31
C VAL B 311 11.85 10.23 -9.43
N LYS B 312 12.11 10.65 -10.69
CA LYS B 312 11.18 10.36 -11.81
C LYS B 312 11.83 9.86 -13.11
#